data_7YLG
#
_entry.id   7YLG
#
_cell.length_a   64.625
_cell.length_b   64.625
_cell.length_c   94.911
_cell.angle_alpha   90.000
_cell.angle_beta   90.000
_cell.angle_gamma   120.000
#
_symmetry.space_group_name_H-M   'P 32 2 1'
#
loop_
_entity.id
_entity.type
_entity.pdbx_description
1 polymer 'Toll-like receptor 2'
2 non-polymer GLUTATHIONE
3 water water
#
_entity_poly.entity_id   1
_entity_poly.type   'polypeptide(L)'
_entity_poly.pdbx_seq_one_letter_code
;GSAKDPKKRPENKPFDAFISYSEHDADWTKEHLLKKLETDGFKICYHERDFKPGHPVLGNIFYCIENSHKVLFVLSPSFV
NSCWCQYELYFAEHRVLDENQDSLIMVVLEDLPPDSVPQKFSKLRKLLKRKTYLKWSPEEHKQKIFWHQLAAVLKTTNEP
LVRAENGPNEDVIEME
;
_entity_poly.pdbx_strand_id   A
#
# COMPACT_ATOMS: atom_id res chain seq x y z
N LYS A 13 -5.02 14.93 8.32
CA LYS A 13 -5.38 14.42 6.99
C LYS A 13 -6.76 13.77 7.01
N PRO A 14 -7.56 13.97 5.95
CA PRO A 14 -8.90 13.35 5.92
C PRO A 14 -8.87 11.84 5.77
N PHE A 15 -7.84 11.27 5.16
CA PHE A 15 -7.77 9.83 4.99
C PHE A 15 -6.65 9.26 5.85
N ASP A 16 -6.89 8.07 6.40
CA ASP A 16 -5.84 7.36 7.12
C ASP A 16 -4.79 6.78 6.17
N ALA A 17 -5.22 6.26 5.03
CA ALA A 17 -4.28 5.67 4.08
C ALA A 17 -4.77 5.79 2.65
N PHE A 18 -3.81 6.00 1.75
CA PHE A 18 -3.97 5.76 0.33
C PHE A 18 -3.43 4.38 0.04
N ILE A 19 -4.19 3.55 -0.67
CA ILE A 19 -3.81 2.15 -0.88
C ILE A 19 -3.54 1.91 -2.37
N SER A 20 -2.41 1.29 -2.65
CA SER A 20 -2.03 0.91 -4.01
C SER A 20 -1.84 -0.60 -4.09
N TYR A 21 -2.29 -1.18 -5.20
CA TYR A 21 -2.33 -2.63 -5.34
C TYR A 21 -2.45 -2.92 -6.84
N SER A 22 -2.00 -4.11 -7.22
CA SER A 22 -2.04 -4.52 -8.61
C SER A 22 -3.43 -5.02 -8.99
N GLU A 23 -3.73 -4.94 -10.28
CA GLU A 23 -4.98 -5.53 -10.77
C GLU A 23 -5.08 -6.99 -10.39
N HIS A 24 -3.95 -7.72 -10.48
CA HIS A 24 -3.92 -9.14 -10.11
C HIS A 24 -4.39 -9.35 -8.68
N ASP A 25 -4.05 -8.44 -7.78
CA ASP A 25 -4.34 -8.53 -6.36
C ASP A 25 -5.62 -7.79 -5.96
N ALA A 26 -6.41 -7.35 -6.95
CA ALA A 26 -7.54 -6.47 -6.66
C ALA A 26 -8.61 -7.18 -5.85
N ASP A 27 -8.95 -8.42 -6.23
CA ASP A 27 -9.99 -9.16 -5.51
C ASP A 27 -9.63 -9.31 -4.04
N TRP A 28 -8.41 -9.79 -3.75
CA TRP A 28 -8.01 -9.97 -2.36
C TRP A 28 -8.00 -8.64 -1.64
N THR A 29 -7.45 -7.60 -2.28
CA THR A 29 -7.35 -6.29 -1.64
C THR A 29 -8.73 -5.75 -1.29
N LYS A 30 -9.69 -5.84 -2.22
CA LYS A 30 -11.01 -5.28 -1.97
C LYS A 30 -11.79 -6.11 -0.97
N GLU A 31 -11.70 -7.44 -1.03
CA GLU A 31 -12.51 -8.30 -0.19
C GLU A 31 -11.93 -8.51 1.21
N HIS A 32 -10.62 -8.32 1.40
CA HIS A 32 -10.03 -8.54 2.71
C HIS A 32 -9.46 -7.27 3.30
N LEU A 33 -8.53 -6.62 2.60
CA LEU A 33 -7.85 -5.46 3.18
C LEU A 33 -8.81 -4.27 3.31
N LEU A 34 -9.42 -3.85 2.19
CA LEU A 34 -10.27 -2.66 2.19
C LEU A 34 -11.51 -2.89 3.04
N LYS A 35 -12.16 -4.04 2.87
CA LYS A 35 -13.35 -4.36 3.65
C LYS A 35 -13.04 -4.29 5.14
N LYS A 36 -11.94 -4.90 5.57
CA LYS A 36 -11.62 -4.95 6.99
C LYS A 36 -11.32 -3.55 7.52
N LEU A 37 -10.42 -2.83 6.85
CA LEU A 37 -10.07 -1.50 7.30
C LEU A 37 -11.29 -0.57 7.33
N GLU A 38 -12.12 -0.60 6.29
CA GLU A 38 -13.27 0.30 6.26
C GLU A 38 -14.32 -0.12 7.28
N THR A 39 -14.53 -1.43 7.45
CA THR A 39 -15.42 -1.88 8.53
C THR A 39 -14.90 -1.46 9.89
N ASP A 40 -13.58 -1.38 10.04
CA ASP A 40 -12.96 -1.03 11.32
C ASP A 40 -12.80 0.47 11.51
N GLY A 41 -13.37 1.30 10.64
CA GLY A 41 -13.42 2.73 10.86
C GLY A 41 -12.32 3.55 10.20
N PHE A 42 -11.35 2.91 9.57
CA PHE A 42 -10.35 3.66 8.83
C PHE A 42 -10.94 4.25 7.55
N LYS A 43 -10.48 5.44 7.20
CA LYS A 43 -10.88 6.12 5.97
C LYS A 43 -9.77 5.96 4.97
N ILE A 44 -10.11 5.40 3.80
CA ILE A 44 -9.15 4.93 2.80
C ILE A 44 -9.41 5.67 1.50
N CYS A 45 -8.32 6.06 0.82
CA CYS A 45 -8.27 6.63 -0.54
C CYS A 45 -7.74 5.53 -1.47
N TYR A 46 -8.38 5.32 -2.63
CA TYR A 46 -7.72 4.51 -3.65
C TYR A 46 -8.30 4.83 -5.03
N HIS A 47 -7.44 4.80 -6.05
CA HIS A 47 -7.76 5.43 -7.33
C HIS A 47 -8.95 4.76 -8.03
N GLU A 48 -9.07 3.44 -7.91
CA GLU A 48 -10.13 2.74 -8.62
C GLU A 48 -11.51 3.32 -8.27
N ARG A 49 -11.71 3.70 -7.01
CA ARG A 49 -12.94 4.35 -6.57
C ARG A 49 -12.86 5.87 -6.55
N ASP A 50 -11.73 6.44 -6.16
CA ASP A 50 -11.69 7.85 -5.79
C ASP A 50 -11.05 8.76 -6.84
N PHE A 51 -10.42 8.20 -7.87
CA PHE A 51 -9.90 9.00 -8.96
C PHE A 51 -11.01 9.24 -9.97
N LYS A 52 -11.26 10.51 -10.27
CA LYS A 52 -12.36 10.90 -11.15
C LYS A 52 -11.77 11.63 -12.33
N PRO A 53 -11.63 10.98 -13.49
CA PRO A 53 -11.01 11.64 -14.66
C PRO A 53 -11.62 12.99 -14.99
N GLY A 54 -10.75 13.99 -15.17
CA GLY A 54 -11.19 15.31 -15.55
C GLY A 54 -11.55 16.21 -14.39
N HIS A 55 -11.75 15.64 -13.22
CA HIS A 55 -12.11 16.45 -12.07
C HIS A 55 -10.88 17.24 -11.64
N PRO A 56 -11.00 18.55 -11.45
CA PRO A 56 -9.80 19.36 -11.14
C PRO A 56 -9.18 19.03 -9.79
N VAL A 57 -9.94 18.52 -8.83
CA VAL A 57 -9.39 18.11 -7.54
C VAL A 57 -9.13 16.61 -7.50
N LEU A 58 -10.12 15.82 -7.91
CA LEU A 58 -10.06 14.38 -7.71
C LEU A 58 -9.46 13.66 -8.92
N GLY A 59 -9.12 14.41 -9.96
CA GLY A 59 -8.64 13.80 -11.18
C GLY A 59 -7.15 14.00 -11.37
N ASN A 60 -6.41 14.02 -10.26
CA ASN A 60 -4.96 13.97 -10.39
C ASN A 60 -4.34 13.15 -9.27
N ILE A 61 -3.15 12.64 -9.56
CA ILE A 61 -2.50 11.65 -8.70
C ILE A 61 -2.00 12.25 -7.41
N PHE A 62 -1.97 13.57 -7.28
CA PHE A 62 -1.48 14.14 -6.03
C PHE A 62 -2.54 14.14 -4.94
N TYR A 63 -3.82 14.07 -5.31
CA TYR A 63 -4.90 14.24 -4.34
C TYR A 63 -4.83 13.21 -3.21
N CYS A 64 -4.77 11.92 -3.53
CA CYS A 64 -4.90 10.91 -2.48
C CYS A 64 -3.71 10.97 -1.53
N ILE A 65 -2.50 11.02 -2.08
CA ILE A 65 -1.32 10.96 -1.24
C ILE A 65 -1.17 12.25 -0.43
N GLU A 66 -1.56 13.39 -0.99
CA GLU A 66 -1.49 14.64 -0.23
C GLU A 66 -2.50 14.66 0.92
N ASN A 67 -3.56 13.87 0.84
CA ASN A 67 -4.61 13.94 1.85
C ASN A 67 -4.71 12.69 2.71
N SER A 68 -3.70 11.81 2.69
CA SER A 68 -3.71 10.59 3.49
C SER A 68 -2.52 10.58 4.43
N HIS A 69 -2.75 10.09 5.66
CA HIS A 69 -1.68 9.99 6.64
C HIS A 69 -0.61 8.99 6.18
N LYS A 70 -1.02 7.84 5.65
CA LYS A 70 -0.09 6.81 5.23
C LYS A 70 -0.34 6.43 3.78
N VAL A 71 0.69 5.87 3.16
CA VAL A 71 0.58 5.24 1.85
C VAL A 71 0.88 3.75 2.05
N LEU A 72 -0.05 2.90 1.65
CA LEU A 72 0.10 1.47 1.86
C LEU A 72 0.17 0.79 0.50
N PHE A 73 1.23 0.00 0.29
CA PHE A 73 1.41 -0.81 -0.91
C PHE A 73 1.15 -2.27 -0.60
N VAL A 74 0.30 -2.90 -1.40
CA VAL A 74 0.13 -4.36 -1.39
C VAL A 74 1.14 -4.93 -2.37
N LEU A 75 2.14 -5.65 -1.86
CA LEU A 75 3.25 -6.12 -2.71
C LEU A 75 3.14 -7.62 -3.02
N SER A 76 3.45 -7.95 -4.26
CA SER A 76 3.49 -9.31 -4.79
C SER A 76 4.33 -9.24 -6.05
N PRO A 77 4.73 -10.40 -6.62
CA PRO A 77 5.39 -10.34 -7.93
C PRO A 77 4.57 -9.60 -8.97
N SER A 78 3.25 -9.81 -8.99
CA SER A 78 2.41 -9.13 -9.97
C SER A 78 2.54 -7.62 -9.86
N PHE A 79 2.66 -7.10 -8.63
CA PHE A 79 2.87 -5.67 -8.43
C PHE A 79 4.24 -5.22 -8.91
N VAL A 80 5.29 -5.89 -8.43
CA VAL A 80 6.66 -5.48 -8.74
C VAL A 80 6.94 -5.57 -10.23
N ASN A 81 6.32 -6.54 -10.92
CA ASN A 81 6.63 -6.74 -12.34
C ASN A 81 5.81 -5.87 -13.28
N SER A 82 4.83 -5.14 -12.75
CA SER A 82 3.96 -4.34 -13.59
C SER A 82 4.56 -2.97 -13.85
N CYS A 83 4.50 -2.55 -15.11
CA CYS A 83 4.96 -1.23 -15.53
C CYS A 83 4.23 -0.12 -14.76
N TRP A 84 2.91 -0.18 -14.73
CA TRP A 84 2.12 0.85 -14.06
C TRP A 84 2.39 0.87 -12.56
N CYS A 85 2.51 -0.30 -11.94
CA CYS A 85 2.81 -0.33 -10.50
C CYS A 85 4.18 0.26 -10.21
N GLN A 86 5.15 -0.01 -11.08
CA GLN A 86 6.48 0.59 -10.91
C GLN A 86 6.41 2.10 -10.98
N TYR A 87 5.60 2.65 -11.88
CA TYR A 87 5.46 4.12 -11.91
C TYR A 87 4.87 4.63 -10.61
N GLU A 88 3.92 3.88 -10.06
CA GLU A 88 3.28 4.29 -8.80
C GLU A 88 4.27 4.18 -7.65
N LEU A 89 5.08 3.12 -7.65
CA LEU A 89 6.16 3.01 -6.67
C LEU A 89 7.10 4.20 -6.75
N TYR A 90 7.56 4.51 -7.96
CA TYR A 90 8.46 5.65 -8.16
C TYR A 90 7.88 6.91 -7.54
N PHE A 91 6.59 7.13 -7.76
CA PHE A 91 5.95 8.38 -7.33
C PHE A 91 5.92 8.46 -5.81
N ALA A 92 5.58 7.36 -5.16
CA ALA A 92 5.53 7.36 -3.70
C ALA A 92 6.92 7.53 -3.12
N GLU A 93 7.88 6.73 -3.61
CA GLU A 93 9.28 6.90 -3.24
C GLU A 93 9.69 8.36 -3.29
N HIS A 94 9.43 9.03 -4.42
CA HIS A 94 9.92 10.39 -4.59
C HIS A 94 9.05 11.45 -3.93
N ARG A 95 7.75 11.25 -3.83
CA ARG A 95 6.93 12.17 -3.06
C ARG A 95 7.03 11.85 -1.56
N VAL A 96 6.77 10.61 -1.20
CA VAL A 96 6.80 10.17 0.20
C VAL A 96 8.18 9.66 0.56
N GLN A 101 10.90 7.81 5.01
CA GLN A 101 9.76 8.45 5.63
C GLN A 101 8.89 7.42 6.32
N ASP A 102 8.33 7.81 7.46
CA ASP A 102 7.49 6.91 8.24
C ASP A 102 6.11 6.70 7.63
N SER A 103 5.70 7.50 6.64
CA SER A 103 4.34 7.35 6.11
C SER A 103 4.15 6.14 5.22
N LEU A 104 5.22 5.44 4.84
CA LEU A 104 5.12 4.32 3.93
C LEU A 104 4.87 3.03 4.70
N ILE A 105 3.93 2.22 4.21
CA ILE A 105 3.61 0.92 4.80
C ILE A 105 3.61 -0.10 3.68
N MET A 106 4.39 -1.17 3.86
CA MET A 106 4.46 -2.25 2.90
CA MET A 106 4.43 -2.25 2.89
C MET A 106 3.78 -3.48 3.48
N VAL A 107 2.83 -4.04 2.73
CA VAL A 107 2.19 -5.31 3.04
C VAL A 107 2.65 -6.31 2.00
N VAL A 108 3.32 -7.36 2.42
CA VAL A 108 3.77 -8.40 1.49
C VAL A 108 2.69 -9.47 1.44
N LEU A 109 1.94 -9.49 0.34
CA LEU A 109 0.90 -10.49 0.14
C LEU A 109 1.48 -11.79 -0.39
N GLU A 110 2.49 -11.71 -1.24
CA GLU A 110 3.18 -12.89 -1.76
C GLU A 110 4.67 -12.57 -1.82
N ASP A 111 5.50 -13.54 -1.47
CA ASP A 111 6.94 -13.33 -1.37
C ASP A 111 7.50 -12.80 -2.68
N LEU A 112 8.45 -11.87 -2.57
CA LEU A 112 9.13 -11.31 -3.74
C LEU A 112 10.46 -12.02 -3.92
N PRO A 113 10.74 -12.62 -5.08
CA PRO A 113 12.04 -13.25 -5.30
C PRO A 113 13.17 -12.27 -5.01
N PRO A 114 14.30 -12.74 -4.49
CA PRO A 114 15.38 -11.82 -4.13
C PRO A 114 15.87 -11.05 -5.35
N ASP A 115 16.11 -9.75 -5.16
CA ASP A 115 16.61 -8.84 -6.19
C ASP A 115 15.64 -8.66 -7.35
N SER A 116 14.37 -9.01 -7.18
CA SER A 116 13.38 -8.80 -8.22
C SER A 116 12.91 -7.35 -8.28
N VAL A 117 12.99 -6.60 -7.18
CA VAL A 117 12.65 -5.18 -7.26
C VAL A 117 13.76 -4.46 -8.03
N PRO A 118 13.45 -3.66 -9.04
CA PRO A 118 14.50 -2.98 -9.79
C PRO A 118 15.44 -2.20 -8.88
N GLN A 119 16.73 -2.20 -9.23
CA GLN A 119 17.76 -1.71 -8.32
C GLN A 119 17.59 -0.22 -8.03
N LYS A 120 16.98 0.53 -8.95
CA LYS A 120 16.82 1.96 -8.72
C LYS A 120 15.71 2.31 -7.74
N PHE A 121 14.91 1.36 -7.29
CA PHE A 121 13.94 1.62 -6.19
C PHE A 121 14.66 1.41 -4.85
N SER A 122 15.66 2.24 -4.61
CA SER A 122 16.60 1.95 -3.52
C SER A 122 15.96 2.11 -2.15
N LYS A 123 15.00 3.02 -2.01
CA LYS A 123 14.32 3.18 -0.74
C LYS A 123 13.44 1.97 -0.44
N LEU A 124 12.57 1.60 -1.38
CA LEU A 124 11.79 0.38 -1.22
C LEU A 124 12.68 -0.82 -0.97
N ARG A 125 13.82 -0.91 -1.68
CA ARG A 125 14.72 -2.03 -1.50
C ARG A 125 15.30 -2.05 -0.07
N LYS A 126 15.69 -0.88 0.45
CA LYS A 126 16.19 -0.84 1.83
C LYS A 126 15.11 -1.24 2.83
N LEU A 127 13.88 -0.78 2.63
CA LEU A 127 12.78 -1.16 3.51
C LEU A 127 12.58 -2.68 3.54
N LEU A 128 12.63 -3.33 2.38
CA LEU A 128 12.46 -4.78 2.36
C LEU A 128 13.65 -5.49 2.99
N LYS A 129 14.87 -5.03 2.68
CA LYS A 129 16.05 -5.61 3.29
C LYS A 129 16.04 -5.45 4.80
N ARG A 130 15.49 -4.34 5.29
CA ARG A 130 15.42 -4.07 6.72
C ARG A 130 14.17 -4.66 7.39
N LYS A 131 13.41 -5.49 6.67
CA LYS A 131 12.33 -6.29 7.25
C LYS A 131 11.21 -5.42 7.81
N THR A 132 11.06 -4.21 7.26
CA THR A 132 10.02 -3.25 7.67
C THR A 132 8.84 -3.44 6.71
N TYR A 133 8.10 -4.50 6.95
CA TYR A 133 6.84 -4.75 6.25
C TYR A 133 6.04 -5.67 7.13
N LEU A 134 4.76 -5.80 6.82
CA LEU A 134 3.91 -6.81 7.39
C LEU A 134 3.64 -7.87 6.34
N LYS A 135 3.73 -9.14 6.73
CA LYS A 135 3.59 -10.24 5.78
C LYS A 135 2.27 -10.96 6.01
N TRP A 136 1.51 -11.12 4.93
CA TRP A 136 0.28 -11.90 4.99
C TRP A 136 0.59 -13.37 5.23
N SER A 137 -0.35 -14.06 5.88
CA SER A 137 -0.25 -15.48 6.14
C SER A 137 -1.62 -16.11 5.94
N PRO A 138 -1.67 -17.35 5.45
CA PRO A 138 -2.98 -18.02 5.33
C PRO A 138 -3.53 -18.53 6.65
N GLU A 139 -2.75 -18.56 7.72
CA GLU A 139 -3.16 -19.16 8.98
C GLU A 139 -3.95 -18.16 9.82
N GLU A 140 -5.10 -18.61 10.33
CA GLU A 140 -5.97 -17.74 11.12
C GLU A 140 -5.20 -16.99 12.21
N HIS A 141 -4.36 -17.72 12.93
CA HIS A 141 -3.66 -17.13 14.08
C HIS A 141 -2.75 -16.00 13.65
N LYS A 142 -2.01 -16.20 12.56
CA LYS A 142 -1.11 -15.17 12.07
C LYS A 142 -1.89 -14.01 11.44
N GLN A 143 -3.01 -14.31 10.78
CA GLN A 143 -3.82 -13.23 10.22
C GLN A 143 -4.39 -12.35 11.31
N LYS A 144 -4.80 -12.94 12.44
CA LYS A 144 -5.29 -12.13 13.55
C LYS A 144 -4.24 -11.13 13.99
N ILE A 145 -3.00 -11.60 14.21
CA ILE A 145 -1.91 -10.70 14.58
C ILE A 145 -1.69 -9.65 13.49
N PHE A 146 -1.72 -10.09 12.22
CA PHE A 146 -1.52 -9.19 11.09
C PHE A 146 -2.44 -7.99 11.16
N TRP A 147 -3.74 -8.23 11.39
CA TRP A 147 -4.69 -7.12 11.36
C TRP A 147 -4.48 -6.16 12.52
N HIS A 148 -4.19 -6.69 13.72
CA HIS A 148 -3.85 -5.82 14.84
C HIS A 148 -2.59 -5.01 14.54
N GLN A 149 -1.55 -5.66 14.00
CA GLN A 149 -0.33 -4.91 13.71
C GLN A 149 -0.54 -3.89 12.59
N LEU A 150 -1.42 -4.19 11.63
CA LEU A 150 -1.68 -3.22 10.56
C LEU A 150 -2.43 -2.02 11.11
N ALA A 151 -3.40 -2.24 12.01
CA ALA A 151 -4.04 -1.10 12.64
C ALA A 151 -3.03 -0.27 13.42
N ALA A 152 -2.14 -0.93 14.18
CA ALA A 152 -1.11 -0.23 14.94
C ALA A 152 -0.24 0.64 14.04
N VAL A 153 0.26 0.06 12.96
CA VAL A 153 1.17 0.84 12.12
C VAL A 153 0.45 2.00 11.45
N LEU A 154 -0.83 1.83 11.09
CA LEU A 154 -1.57 2.95 10.49
C LEU A 154 -1.73 4.12 11.43
N LYS A 155 -1.68 3.89 12.74
CA LYS A 155 -1.85 4.94 13.74
C LYS A 155 -0.55 5.55 14.23
N THR A 156 0.60 5.06 13.80
CA THR A 156 1.88 5.66 14.19
C THR A 156 2.02 7.06 13.59
N THR A 157 2.81 7.90 14.26
CA THR A 157 3.15 9.20 13.75
C THR A 157 4.05 9.08 12.52
N ASN A 158 4.22 10.19 11.81
CA ASN A 158 5.08 10.21 10.62
C ASN A 158 6.44 10.86 10.89
#